data_5HIL
#
_entry.id   5HIL
#
_cell.length_a   51.897
_cell.length_b   121.124
_cell.length_c   131.589
_cell.angle_alpha   90.00
_cell.angle_beta   90.00
_cell.angle_gamma   90.00
#
_symmetry.space_group_name_H-M   'I 2 2 2'
#
loop_
_entity.id
_entity.type
_entity.pdbx_description
1 polymer 'Glycine sarcosine N-methyltransferase'
2 non-polymer S-ADENOSYL-L-HOMOCYSTEINE
3 non-polymer SARCOSINE
4 non-polymer 1,2-ETHANEDIOL
5 water water
#
_entity_poly.entity_id   1
_entity_poly.type   'polypeptide(L)'
_entity_poly.pdbx_seq_one_letter_code
;MGSSHHHHHHSSGLVPRGSHMMNQYGKQDFGDNPIEVRESDHYEEEYVLGFVDKWDELIDWESRAESEGDTIINILKERG
VKKVLDVATGTGFNSVRLLQAGFDVVSADGSAEMLVKAFDNARDHGYLMRTVQADWRWMNKDIHDKFDAIVCLGNSFTHL
FDEGDRRKALAEFYALLKHDGVLLLDQRNYDAILDDGYSSKHAHYYCGDTVSVYPEHVDEGLARFKYEFSDGSVYNLNMF
PLRKDYTRQLLHEVGFQEINTLGDFKETYKEDEPDFFLHVAEKN
;
_entity_poly.pdbx_strand_id   A
#
# COMPACT_ATOMS: atom_id res chain seq x y z
N ASP A 41 -8.54 -21.03 8.58
CA ASP A 41 -8.32 -19.69 8.04
C ASP A 41 -7.56 -18.81 9.05
N HIS A 42 -7.56 -19.21 10.32
CA HIS A 42 -6.92 -18.45 11.38
C HIS A 42 -5.39 -18.50 11.27
N TYR A 43 -4.84 -19.48 10.54
CA TYR A 43 -3.38 -19.58 10.42
C TYR A 43 -2.81 -18.56 9.42
N GLU A 44 -3.47 -18.39 8.26
CA GLU A 44 -3.02 -17.40 7.30
C GLU A 44 -2.93 -16.00 7.93
N GLU A 45 -3.97 -15.62 8.69
CA GLU A 45 -3.99 -14.33 9.37
C GLU A 45 -2.85 -14.24 10.38
N GLU A 46 -2.65 -15.32 11.12
CA GLU A 46 -1.61 -15.35 12.13
C GLU A 46 -0.21 -15.29 11.49
N TYR A 47 -0.07 -15.96 10.33
CA TYR A 47 1.18 -15.99 9.57
C TYR A 47 1.59 -14.59 9.10
N VAL A 48 0.63 -13.85 8.54
CA VAL A 48 0.89 -12.50 8.07
C VAL A 48 1.09 -11.53 9.23
N LEU A 49 0.44 -11.77 10.36
CA LEU A 49 0.63 -10.88 11.50
C LEU A 49 2.05 -11.06 12.02
N GLY A 50 2.57 -12.30 11.93
CA GLY A 50 3.95 -12.56 12.29
C GLY A 50 4.93 -11.84 11.37
N PHE A 51 4.56 -11.81 10.09
CA PHE A 51 5.36 -11.16 9.08
C PHE A 51 5.49 -9.66 9.33
N VAL A 52 4.38 -8.98 9.58
CA VAL A 52 4.44 -7.53 9.72
C VAL A 52 5.11 -7.18 11.04
N ASP A 53 4.93 -8.03 12.06
CA ASP A 53 5.66 -7.88 13.32
C ASP A 53 7.16 -7.92 13.05
N LYS A 54 7.59 -8.90 12.26
CA LYS A 54 8.99 -9.05 11.98
C LYS A 54 9.51 -7.85 11.19
N TRP A 55 8.70 -7.37 10.26
CA TRP A 55 9.07 -6.21 9.46
C TRP A 55 9.31 -4.98 10.34
N ASP A 56 8.39 -4.72 11.26
CA ASP A 56 8.52 -3.55 12.14
C ASP A 56 9.56 -3.71 13.24
N GLU A 57 9.88 -4.96 13.56
CA GLU A 57 10.90 -5.25 14.55
C GLU A 57 12.24 -4.81 13.98
N LEU A 58 12.49 -5.18 12.74
CA LEU A 58 13.83 -5.02 12.17
C LEU A 58 13.98 -3.77 11.31
N ILE A 59 12.86 -3.20 10.85
CA ILE A 59 12.92 -2.00 10.03
C ILE A 59 12.20 -0.86 10.72
N ASP A 60 12.99 0.09 11.23
CA ASP A 60 12.44 1.18 11.99
C ASP A 60 11.89 2.24 11.04
N TRP A 61 10.81 2.86 11.46
CA TRP A 61 10.07 3.80 10.61
C TRP A 61 10.85 5.06 10.25
N GLU A 62 11.80 5.47 11.09
CA GLU A 62 12.60 6.66 10.78
C GLU A 62 13.46 6.45 9.53
N SER A 63 14.07 5.27 9.42
CA SER A 63 14.88 4.95 8.24
C SER A 63 14.00 4.84 7.02
N ARG A 64 12.89 4.16 7.20
CA ARG A 64 11.93 3.98 6.14
C ARG A 64 11.38 5.33 5.64
N ALA A 65 11.13 6.25 6.56
CA ALA A 65 10.62 7.56 6.19
C ALA A 65 11.68 8.40 5.49
N GLU A 66 12.96 8.22 5.85
CA GLU A 66 14.03 8.92 5.16
C GLU A 66 14.18 8.37 3.74
N SER A 67 13.98 7.06 3.60
CA SER A 67 14.16 6.38 2.32
C SER A 67 13.00 6.69 1.37
N GLU A 68 11.78 6.47 1.84
CA GLU A 68 10.61 6.92 1.09
C GLU A 68 10.77 8.41 0.99
N GLY A 69 10.45 9.00 -0.15
CA GLY A 69 10.64 10.43 -0.29
C GLY A 69 9.72 11.24 0.61
N ASP A 70 9.53 12.49 0.23
CA ASP A 70 8.42 13.27 0.74
C ASP A 70 7.52 13.56 -0.46
N THR A 71 7.72 12.77 -1.50
CA THR A 71 7.00 12.87 -2.75
C THR A 71 5.50 12.76 -2.54
N ILE A 72 5.09 11.71 -1.84
CA ILE A 72 3.67 11.50 -1.59
C ILE A 72 3.07 12.70 -0.86
N ILE A 73 3.70 13.11 0.23
CA ILE A 73 3.25 14.26 1.00
C ILE A 73 3.18 15.53 0.16
N ASN A 74 4.22 15.77 -0.64
CA ASN A 74 4.23 16.96 -1.49
C ASN A 74 3.11 16.93 -2.51
N ILE A 75 2.85 15.74 -3.06
CA ILE A 75 1.75 15.56 -4.01
C ILE A 75 0.42 15.96 -3.38
N LEU A 76 0.15 15.49 -2.16
CA LEU A 76 -1.07 15.86 -1.46
C LEU A 76 -1.09 17.35 -1.11
N LYS A 77 0.06 17.86 -0.68
CA LYS A 77 0.15 19.25 -0.27
C LYS A 77 -0.12 20.17 -1.45
N GLU A 78 0.49 19.87 -2.59
CA GLU A 78 0.34 20.73 -3.76
C GLU A 78 -1.07 20.63 -4.36
N ARG A 79 -1.89 19.71 -3.86
CA ARG A 79 -3.29 19.63 -4.26
C ARG A 79 -4.22 20.21 -3.19
N GLY A 80 -3.63 20.76 -2.13
CA GLY A 80 -4.41 21.33 -1.04
C GLY A 80 -5.16 20.31 -0.20
N VAL A 81 -4.76 19.04 -0.28
CA VAL A 81 -5.44 17.99 0.47
C VAL A 81 -5.45 18.23 1.99
N LYS A 82 -6.61 18.04 2.62
CA LYS A 82 -6.73 18.09 4.08
C LYS A 82 -7.16 16.75 4.67
N LYS A 83 -8.31 16.24 4.21
CA LYS A 83 -8.81 14.93 4.64
C LYS A 83 -8.23 13.78 3.83
N VAL A 84 -7.58 12.84 4.51
CA VAL A 84 -7.05 11.65 3.87
C VAL A 84 -7.64 10.40 4.50
N LEU A 85 -8.07 9.47 3.64
CA LEU A 85 -8.48 8.16 4.08
C LEU A 85 -7.41 7.15 3.70
N ASP A 86 -6.85 6.48 4.69
CA ASP A 86 -5.89 5.41 4.43
C ASP A 86 -6.63 4.08 4.47
N VAL A 87 -6.69 3.38 3.33
CA VAL A 87 -7.50 2.17 3.26
C VAL A 87 -6.66 0.91 3.43
N ALA A 88 -5.34 1.10 3.51
CA ALA A 88 -4.44 -0.04 3.74
C ALA A 88 -3.45 0.27 4.86
N THR A 89 -3.98 0.50 6.06
CA THR A 89 -3.19 1.06 7.15
C THR A 89 -2.12 0.10 7.62
N GLY A 90 -2.42 -1.19 7.62
CA GLY A 90 -1.51 -2.21 8.11
C GLY A 90 -1.12 -1.86 9.53
N THR A 91 0.18 -1.78 9.78
CA THR A 91 0.64 -1.36 11.10
C THR A 91 0.86 0.16 11.20
N GLY A 92 0.45 0.89 10.17
CA GLY A 92 0.21 2.31 10.34
C GLY A 92 1.26 3.29 9.85
N PHE A 93 2.29 2.79 9.16
CA PHE A 93 3.36 3.68 8.69
C PHE A 93 2.85 4.84 7.81
N ASN A 94 2.08 4.53 6.77
CA ASN A 94 1.55 5.59 5.91
C ASN A 94 0.72 6.58 6.73
N SER A 95 -0.17 6.04 7.58
CA SER A 95 -1.07 6.87 8.38
C SER A 95 -0.30 7.81 9.31
N VAL A 96 0.66 7.25 10.04
CA VAL A 96 1.46 8.05 10.96
C VAL A 96 2.30 9.10 10.22
N ARG A 97 2.82 8.74 9.05
CA ARG A 97 3.54 9.70 8.21
C ARG A 97 2.64 10.89 7.83
N LEU A 98 1.37 10.61 7.53
CA LEU A 98 0.43 11.66 7.14
C LEU A 98 -0.07 12.45 8.34
N LEU A 99 -0.26 11.81 9.49
CA LEU A 99 -0.59 12.54 10.70
C LEU A 99 0.55 13.51 11.06
N GLN A 100 1.80 13.04 11.01
CA GLN A 100 2.96 13.90 11.29
C GLN A 100 3.06 15.08 10.31
N ALA A 101 2.56 14.90 9.10
CA ALA A 101 2.65 15.95 8.07
C ALA A 101 1.52 16.95 8.27
N GLY A 102 0.54 16.57 9.09
CA GLY A 102 -0.51 17.47 9.49
C GLY A 102 -1.85 17.22 8.82
N PHE A 103 -1.96 16.14 8.06
CA PHE A 103 -3.23 15.78 7.44
C PHE A 103 -4.19 15.23 8.50
N ASP A 104 -5.49 15.37 8.26
CA ASP A 104 -6.46 14.63 9.03
C ASP A 104 -6.65 13.29 8.37
N VAL A 105 -6.33 12.23 9.11
CA VAL A 105 -6.31 10.90 8.54
C VAL A 105 -7.36 10.01 9.19
N VAL A 106 -8.12 9.30 8.37
CA VAL A 106 -8.89 8.17 8.86
C VAL A 106 -8.17 6.89 8.42
N SER A 107 -7.90 6.01 9.40
CA SER A 107 -7.09 4.82 9.16
C SER A 107 -7.94 3.57 9.11
N ALA A 108 -8.13 3.06 7.90
CA ALA A 108 -8.95 1.87 7.75
C ALA A 108 -8.12 0.64 7.34
N ASP A 109 -8.67 -0.53 7.63
CA ASP A 109 -8.06 -1.78 7.27
C ASP A 109 -9.10 -2.88 7.47
N GLY A 110 -8.99 -3.96 6.71
CA GLY A 110 -9.87 -5.08 6.91
C GLY A 110 -9.60 -5.82 8.20
N SER A 111 -8.40 -5.68 8.73
CA SER A 111 -7.98 -6.49 9.87
C SER A 111 -8.01 -5.70 11.18
N ALA A 112 -8.81 -6.18 12.12
CA ALA A 112 -8.89 -5.54 13.42
C ALA A 112 -7.54 -5.63 14.14
N GLU A 113 -6.88 -6.78 13.98
CA GLU A 113 -5.54 -6.99 14.56
C GLU A 113 -4.48 -6.00 14.05
N MET A 114 -4.46 -5.76 12.73
CA MET A 114 -3.58 -4.75 12.14
C MET A 114 -3.84 -3.38 12.77
N LEU A 115 -5.12 -3.05 12.88
CA LEU A 115 -5.54 -1.74 13.37
C LEU A 115 -5.11 -1.54 14.82
N VAL A 116 -5.15 -2.59 15.62
CA VAL A 116 -4.67 -2.47 16.98
C VAL A 116 -3.17 -2.12 16.98
N LYS A 117 -2.41 -2.79 16.13
CA LYS A 117 -0.97 -2.51 16.03
C LYS A 117 -0.75 -1.08 15.52
N ALA A 118 -1.56 -0.67 14.55
CA ALA A 118 -1.51 0.69 14.01
C ALA A 118 -1.76 1.76 15.08
N PHE A 119 -2.82 1.57 15.86
CA PHE A 119 -3.19 2.53 16.87
C PHE A 119 -2.07 2.69 17.91
N ASP A 120 -1.47 1.59 18.31
CA ASP A 120 -0.45 1.65 19.34
C ASP A 120 0.87 2.19 18.77
N ASN A 121 1.13 1.93 17.50
CA ASN A 121 2.31 2.53 16.87
C ASN A 121 2.14 4.04 16.76
N ALA A 122 0.92 4.47 16.43
CA ALA A 122 0.61 5.89 16.37
C ALA A 122 0.74 6.51 17.76
N ARG A 123 0.19 5.79 18.74
CA ARG A 123 0.26 6.26 20.12
C ARG A 123 1.72 6.49 20.49
N ASP A 124 2.58 5.54 20.12
CA ASP A 124 3.99 5.63 20.45
C ASP A 124 4.64 6.88 19.82
N HIS A 125 4.25 7.23 18.60
CA HIS A 125 4.80 8.41 17.93
C HIS A 125 4.08 9.67 18.36
N GLY A 126 3.18 9.53 19.33
CA GLY A 126 2.47 10.68 19.89
C GLY A 126 1.22 11.16 19.17
N TYR A 127 0.58 10.29 18.39
CA TYR A 127 -0.65 10.69 17.71
C TYR A 127 -1.82 9.80 18.06
N LEU A 128 -3.01 10.40 18.02
CA LEU A 128 -4.26 9.66 18.18
C LEU A 128 -4.76 9.23 16.81
N MET A 129 -4.64 7.94 16.53
CA MET A 129 -5.16 7.39 15.31
C MET A 129 -6.70 7.25 15.38
N ARG A 130 -7.35 7.47 14.24
CA ARG A 130 -8.77 7.18 14.14
C ARG A 130 -8.97 5.92 13.30
N THR A 131 -9.17 4.78 13.97
CA THR A 131 -9.24 3.49 13.26
C THR A 131 -10.67 3.06 12.94
N VAL A 132 -10.84 2.51 11.74
CA VAL A 132 -12.11 1.93 11.28
C VAL A 132 -11.82 0.60 10.61
N GLN A 133 -12.47 -0.46 11.04
CA GLN A 133 -12.33 -1.72 10.34
C GLN A 133 -13.29 -1.78 9.16
N ALA A 134 -12.77 -1.96 7.96
CA ALA A 134 -13.60 -1.97 6.75
C ALA A 134 -13.00 -2.82 5.67
N ASP A 135 -13.87 -3.50 4.93
CA ASP A 135 -13.43 -4.22 3.76
C ASP A 135 -13.58 -3.30 2.55
N TRP A 136 -12.53 -3.22 1.75
CA TRP A 136 -12.55 -2.47 0.47
C TRP A 136 -13.80 -2.65 -0.40
N ARG A 137 -14.43 -3.82 -0.34
CA ARG A 137 -15.57 -4.12 -1.20
C ARG A 137 -16.86 -3.48 -0.75
N TRP A 138 -16.96 -3.16 0.53
CA TRP A 138 -18.07 -2.35 1.02
C TRP A 138 -17.53 -1.30 2.00
N MET A 139 -16.54 -0.56 1.54
CA MET A 139 -15.90 0.51 2.28
C MET A 139 -16.94 1.47 2.89
N ASN A 140 -17.95 1.73 2.08
CA ASN A 140 -19.12 2.51 2.42
C ASN A 140 -19.90 2.16 3.71
N LYS A 141 -19.81 0.90 4.16
CA LYS A 141 -20.61 0.42 5.31
C LYS A 141 -20.28 1.10 6.64
N ASP A 142 -19.01 1.35 6.89
CA ASP A 142 -18.62 1.91 8.17
C ASP A 142 -18.04 3.33 8.03
N ILE A 143 -17.83 3.78 6.79
CA ILE A 143 -17.26 5.11 6.57
C ILE A 143 -18.25 6.09 5.91
N HIS A 144 -18.52 7.19 6.58
CA HIS A 144 -19.63 8.05 6.24
C HIS A 144 -19.20 9.46 5.85
N ASP A 145 -17.94 9.58 5.45
CA ASP A 145 -17.39 10.87 5.05
C ASP A 145 -16.83 10.77 3.63
N LYS A 146 -16.55 11.90 3.01
CA LYS A 146 -15.82 11.91 1.74
C LYS A 146 -14.46 12.54 1.95
N PHE A 147 -13.49 12.20 1.10
CA PHE A 147 -12.11 12.61 1.34
C PHE A 147 -11.44 13.34 0.19
N ASP A 148 -10.41 14.12 0.52
CA ASP A 148 -9.62 14.82 -0.50
C ASP A 148 -8.71 13.84 -1.21
N ALA A 149 -8.25 12.82 -0.48
CA ALA A 149 -7.32 11.85 -1.04
C ALA A 149 -7.50 10.50 -0.37
N ILE A 150 -7.17 9.45 -1.11
CA ILE A 150 -7.12 8.13 -0.53
C ILE A 150 -5.76 7.53 -0.84
N VAL A 151 -5.11 6.98 0.18
CA VAL A 151 -3.86 6.27 -0.04
C VAL A 151 -4.06 4.76 0.14
N CYS A 152 -3.46 4.02 -0.78
CA CYS A 152 -3.47 2.57 -0.81
C CYS A 152 -2.07 2.15 -1.21
N LEU A 153 -1.19 2.13 -0.22
CA LEU A 153 0.26 2.02 -0.42
C LEU A 153 0.90 0.80 0.21
N GLY A 154 2.17 0.58 -0.09
CA GLY A 154 2.87 -0.59 0.39
C GLY A 154 2.56 -1.87 -0.38
N ASN A 155 2.11 -1.72 -1.63
CA ASN A 155 1.78 -2.85 -2.48
C ASN A 155 0.69 -3.65 -1.80
N SER A 156 -0.50 -3.06 -1.76
CA SER A 156 -1.64 -3.58 -1.01
C SER A 156 -2.72 -4.12 -1.92
N PHE A 157 -3.03 -3.34 -2.97
CA PHE A 157 -4.10 -3.67 -3.91
C PHE A 157 -3.88 -5.05 -4.55
N THR A 158 -2.60 -5.43 -4.60
CA THR A 158 -2.15 -6.71 -5.13
C THR A 158 -2.71 -7.95 -4.40
N HIS A 159 -3.31 -7.74 -3.23
CA HIS A 159 -3.83 -8.85 -2.44
C HIS A 159 -5.17 -9.40 -2.92
N LEU A 160 -5.82 -8.70 -3.85
CA LEU A 160 -7.04 -9.21 -4.47
C LEU A 160 -6.76 -10.14 -5.68
N PHE A 161 -7.31 -11.35 -5.65
CA PHE A 161 -7.07 -12.29 -6.75
C PHE A 161 -8.22 -12.38 -7.76
N ASP A 162 -9.35 -11.75 -7.45
CA ASP A 162 -10.51 -11.72 -8.33
C ASP A 162 -10.74 -10.34 -8.97
N GLU A 163 -10.95 -10.32 -10.29
CA GLU A 163 -11.13 -9.06 -11.00
C GLU A 163 -12.39 -8.34 -10.55
N GLY A 164 -13.45 -9.09 -10.24
CA GLY A 164 -14.67 -8.51 -9.69
C GLY A 164 -14.41 -7.74 -8.41
N ASP A 165 -13.62 -8.31 -7.52
CA ASP A 165 -13.26 -7.62 -6.27
C ASP A 165 -12.41 -6.39 -6.52
N ARG A 166 -11.52 -6.47 -7.50
CA ARG A 166 -10.69 -5.32 -7.89
C ARG A 166 -11.55 -4.15 -8.35
N ARG A 167 -12.52 -4.42 -9.22
CA ARG A 167 -13.43 -3.38 -9.71
C ARG A 167 -14.21 -2.79 -8.54
N LYS A 168 -14.75 -3.64 -7.68
CA LYS A 168 -15.58 -3.17 -6.58
C LYS A 168 -14.80 -2.28 -5.64
N ALA A 169 -13.61 -2.74 -5.28
CA ALA A 169 -12.72 -2.02 -4.38
C ALA A 169 -12.44 -0.63 -4.93
N LEU A 170 -12.12 -0.58 -6.23
CA LEU A 170 -11.81 0.71 -6.85
C LEU A 170 -13.04 1.62 -6.90
N ALA A 171 -14.21 1.05 -7.19
CA ALA A 171 -15.45 1.82 -7.21
C ALA A 171 -15.79 2.35 -5.82
N GLU A 172 -15.57 1.54 -4.79
CA GLU A 172 -15.75 2.03 -3.42
C GLU A 172 -14.84 3.22 -3.12
N PHE A 173 -13.56 3.11 -3.49
CA PHE A 173 -12.62 4.20 -3.28
C PHE A 173 -13.09 5.47 -3.99
N TYR A 174 -13.57 5.29 -5.22
CA TYR A 174 -14.02 6.39 -6.07
C TYR A 174 -15.22 7.14 -5.45
N ALA A 175 -16.15 6.39 -4.88
CA ALA A 175 -17.32 7.02 -4.27
C ALA A 175 -16.93 7.80 -3.02
N LEU A 176 -15.88 7.33 -2.33
CA LEU A 176 -15.41 7.97 -1.10
C LEU A 176 -14.59 9.24 -1.34
N LEU A 177 -14.29 9.51 -2.62
CA LEU A 177 -13.53 10.70 -2.98
C LEU A 177 -14.44 11.87 -3.32
N LYS A 178 -14.11 13.04 -2.82
CA LYS A 178 -14.76 14.28 -3.25
C LYS A 178 -14.58 14.39 -4.76
N HIS A 179 -15.40 15.25 -5.38
CA HIS A 179 -15.38 15.42 -6.83
C HIS A 179 -13.97 15.69 -7.35
N ASP A 180 -13.18 16.45 -6.60
CA ASP A 180 -11.82 16.80 -6.98
C ASP A 180 -10.76 15.94 -6.28
N GLY A 181 -11.19 14.82 -5.72
CA GLY A 181 -10.32 13.97 -4.94
C GLY A 181 -9.31 13.21 -5.76
N VAL A 182 -8.40 12.52 -5.08
CA VAL A 182 -7.35 11.77 -5.75
C VAL A 182 -7.05 10.46 -5.00
N LEU A 183 -6.81 9.42 -5.78
CA LEU A 183 -6.41 8.12 -5.26
C LEU A 183 -4.92 7.91 -5.52
N LEU A 184 -4.16 7.61 -4.47
CA LEU A 184 -2.76 7.26 -4.61
C LEU A 184 -2.64 5.79 -4.32
N LEU A 185 -2.28 4.99 -5.31
CA LEU A 185 -2.30 3.53 -5.20
C LEU A 185 -1.01 2.97 -5.76
N ASP A 186 -0.30 2.16 -5.00
CA ASP A 186 0.97 1.66 -5.54
C ASP A 186 0.98 0.14 -5.73
N GLN A 187 2.08 -0.35 -6.28
CA GLN A 187 2.21 -1.76 -6.57
C GLN A 187 3.66 -2.04 -6.90
N ARG A 188 4.08 -3.28 -6.74
CA ARG A 188 5.35 -3.70 -7.27
C ARG A 188 5.30 -3.66 -8.79
N ASN A 189 6.46 -3.57 -9.40
CA ASN A 189 6.64 -3.66 -10.84
C ASN A 189 6.65 -5.14 -11.25
N TYR A 190 5.50 -5.68 -11.59
CA TYR A 190 5.44 -7.09 -11.95
C TYR A 190 5.78 -7.32 -13.42
N ASP A 191 5.69 -6.26 -14.22
CA ASP A 191 5.96 -6.37 -15.65
C ASP A 191 7.41 -6.82 -15.79
N ALA A 192 8.27 -6.31 -14.91
CA ALA A 192 9.69 -6.57 -14.96
C ALA A 192 9.95 -8.05 -14.79
N ILE A 193 9.19 -8.67 -13.90
CA ILE A 193 9.35 -10.08 -13.61
C ILE A 193 8.76 -10.96 -14.72
N LEU A 194 7.55 -10.63 -15.17
CA LEU A 194 6.84 -11.44 -16.14
C LEU A 194 7.51 -11.56 -17.51
N ASP A 195 8.35 -10.58 -17.88
CA ASP A 195 8.89 -10.52 -19.25
C ASP A 195 10.36 -10.94 -19.36
N SER A 200 16.29 -12.93 -15.63
CA SER A 200 16.25 -11.71 -14.83
C SER A 200 15.47 -11.90 -13.52
N LYS A 201 15.68 -13.03 -12.85
CA LYS A 201 15.03 -13.37 -11.57
C LYS A 201 16.03 -13.45 -10.42
N HIS A 202 15.97 -12.47 -9.52
CA HIS A 202 16.95 -12.32 -8.44
C HIS A 202 16.29 -11.66 -7.24
N ALA A 203 17.00 -11.62 -6.12
CA ALA A 203 16.49 -10.97 -4.92
C ALA A 203 16.56 -9.43 -4.96
N HIS A 204 15.57 -8.79 -4.34
CA HIS A 204 15.58 -7.34 -4.10
C HIS A 204 15.72 -7.06 -2.60
N TYR A 205 16.59 -6.11 -2.26
CA TYR A 205 16.83 -5.79 -0.87
C TYR A 205 16.19 -4.45 -0.46
N TYR A 206 15.73 -4.39 0.79
CA TYR A 206 15.11 -3.18 1.33
C TYR A 206 15.67 -2.84 2.70
N CYS A 207 15.73 -1.54 2.99
CA CYS A 207 16.42 -1.00 4.14
C CYS A 207 17.82 -1.62 4.26
N GLY A 208 18.73 -1.20 3.38
CA GLY A 208 20.01 -1.84 3.25
C GLY A 208 19.76 -3.31 2.93
N ASP A 209 20.30 -4.17 3.78
CA ASP A 209 20.18 -5.61 3.56
C ASP A 209 19.32 -6.28 4.62
N THR A 210 18.45 -5.50 5.27
CA THR A 210 17.62 -5.99 6.36
C THR A 210 16.66 -7.09 5.89
N VAL A 211 16.02 -6.86 4.75
CA VAL A 211 15.19 -7.92 4.17
C VAL A 211 15.47 -8.04 2.68
N SER A 212 15.47 -9.27 2.20
CA SER A 212 15.56 -9.54 0.78
C SER A 212 14.22 -10.14 0.33
N VAL A 213 13.82 -9.80 -0.89
CA VAL A 213 12.55 -10.24 -1.47
C VAL A 213 12.82 -10.94 -2.79
N TYR A 214 12.49 -12.22 -2.88
CA TYR A 214 12.84 -13.00 -4.03
C TYR A 214 11.62 -13.67 -4.68
N PRO A 215 11.47 -13.53 -6.01
CA PRO A 215 10.31 -14.14 -6.67
C PRO A 215 10.47 -15.65 -6.87
N GLU A 216 9.78 -16.45 -6.08
CA GLU A 216 9.93 -17.91 -6.18
C GLU A 216 9.14 -18.45 -7.35
N HIS A 217 7.95 -17.87 -7.55
CA HIS A 217 7.08 -18.30 -8.62
C HIS A 217 6.27 -17.13 -9.12
N VAL A 218 6.31 -16.90 -10.42
CA VAL A 218 5.56 -15.81 -11.01
C VAL A 218 4.96 -16.25 -12.32
N ASP A 219 3.64 -16.18 -12.40
CA ASP A 219 2.96 -16.31 -13.68
C ASP A 219 1.88 -15.21 -13.72
N GLU A 220 1.06 -15.22 -14.75
CA GLU A 220 0.07 -14.16 -14.95
C GLU A 220 -0.93 -14.04 -13.80
N GLY A 221 -1.15 -15.14 -13.10
CA GLY A 221 -2.16 -15.16 -12.06
C GLY A 221 -1.61 -15.18 -10.65
N LEU A 222 -0.30 -15.34 -10.48
CA LEU A 222 0.27 -15.43 -9.13
C LEU A 222 1.76 -15.17 -9.05
N ALA A 223 2.13 -14.36 -8.08
CA ALA A 223 3.51 -14.15 -7.70
C ALA A 223 3.70 -14.63 -6.27
N ARG A 224 4.63 -15.56 -6.07
CA ARG A 224 4.99 -15.90 -4.70
C ARG A 224 6.40 -15.42 -4.39
N PHE A 225 6.51 -14.54 -3.38
CA PHE A 225 7.79 -14.00 -2.93
C PHE A 225 8.27 -14.64 -1.65
N LYS A 226 9.56 -14.95 -1.62
CA LYS A 226 10.25 -15.34 -0.41
C LYS A 226 10.81 -14.08 0.24
N TYR A 227 10.39 -13.79 1.47
CA TYR A 227 11.01 -12.71 2.24
C TYR A 227 11.96 -13.31 3.27
N GLU A 228 13.22 -12.89 3.20
CA GLU A 228 14.20 -13.28 4.19
C GLU A 228 14.76 -12.06 4.93
N PHE A 229 14.64 -12.10 6.24
CA PHE A 229 15.11 -11.02 7.08
C PHE A 229 16.54 -11.27 7.58
N SER A 230 17.20 -10.21 8.03
CA SER A 230 18.60 -10.31 8.45
C SER A 230 18.82 -11.25 9.63
N ASP A 231 17.76 -11.52 10.40
CA ASP A 231 17.90 -12.37 11.58
C ASP A 231 17.63 -13.83 11.25
N GLY A 232 17.39 -14.10 9.98
CA GLY A 232 17.19 -15.46 9.52
C GLY A 232 15.76 -15.80 9.19
N SER A 233 14.80 -14.98 9.66
CA SER A 233 13.37 -15.26 9.46
C SER A 233 12.98 -15.28 7.99
N VAL A 234 12.15 -16.26 7.61
CA VAL A 234 11.66 -16.39 6.25
C VAL A 234 10.15 -16.41 6.23
N TYR A 235 9.55 -15.63 5.35
CA TYR A 235 8.09 -15.68 5.14
C TYR A 235 7.81 -15.82 3.64
N ASN A 236 6.78 -16.58 3.28
CA ASN A 236 6.42 -16.73 1.87
C ASN A 236 5.01 -16.20 1.62
N LEU A 237 4.90 -15.21 0.74
CA LEU A 237 3.61 -14.53 0.54
C LEU A 237 3.12 -14.59 -0.91
N ASN A 238 1.81 -14.78 -1.05
CA ASN A 238 1.19 -14.77 -2.36
C ASN A 238 0.56 -13.43 -2.62
N MET A 239 0.67 -12.98 -3.86
CA MET A 239 -0.03 -11.76 -4.24
C MET A 239 -0.30 -11.81 -5.72
N PHE A 240 -1.21 -10.96 -6.19
CA PHE A 240 -1.57 -10.99 -7.59
C PHE A 240 -0.71 -10.03 -8.42
N PRO A 241 -0.03 -10.55 -9.46
CA PRO A 241 0.97 -9.75 -10.16
C PRO A 241 0.38 -8.76 -11.19
N LEU A 242 -0.16 -7.66 -10.70
CA LEU A 242 -0.77 -6.66 -11.57
C LEU A 242 0.19 -6.04 -12.56
N ARG A 243 -0.15 -6.11 -13.84
CA ARG A 243 0.60 -5.37 -14.83
C ARG A 243 0.27 -3.87 -14.71
N LYS A 244 1.25 -3.02 -15.03
CA LYS A 244 1.11 -1.59 -14.89
C LYS A 244 -0.11 -1.09 -15.67
N ASP A 245 -0.19 -1.47 -16.94
CA ASP A 245 -1.27 -1.04 -17.80
C ASP A 245 -2.60 -1.63 -17.37
N TYR A 246 -2.57 -2.80 -16.72
CA TYR A 246 -3.82 -3.44 -16.31
C TYR A 246 -4.45 -2.65 -15.16
N THR A 247 -3.63 -2.22 -14.22
CA THR A 247 -4.14 -1.42 -13.11
C THR A 247 -4.70 -0.10 -13.64
N ARG A 248 -3.94 0.51 -14.53
CA ARG A 248 -4.33 1.74 -15.19
C ARG A 248 -5.70 1.57 -15.88
N GLN A 249 -5.86 0.46 -16.60
CA GLN A 249 -7.11 0.13 -17.28
C GLN A 249 -8.26 0.11 -16.28
N LEU A 250 -8.07 -0.64 -15.19
CA LEU A 250 -9.07 -0.75 -14.12
C LEU A 250 -9.48 0.62 -13.55
N LEU A 251 -8.49 1.46 -13.28
CA LEU A 251 -8.77 2.78 -12.73
C LEU A 251 -9.56 3.64 -13.71
N HIS A 252 -9.10 3.67 -14.97
CA HIS A 252 -9.80 4.44 -16.00
C HIS A 252 -11.22 3.88 -16.18
N GLU A 253 -11.37 2.56 -16.05
CA GLU A 253 -12.66 1.93 -16.30
C GLU A 253 -13.72 2.16 -15.21
N VAL A 254 -13.30 2.34 -13.95
CA VAL A 254 -14.30 2.60 -12.90
C VAL A 254 -14.67 4.08 -12.80
N GLY A 255 -14.01 4.94 -13.58
CA GLY A 255 -14.39 6.34 -13.65
C GLY A 255 -13.33 7.41 -13.50
N PHE A 256 -12.10 7.04 -13.15
CA PHE A 256 -11.04 8.04 -12.90
C PHE A 256 -10.62 8.72 -14.21
N GLN A 257 -10.71 10.05 -14.23
CA GLN A 257 -10.57 10.81 -15.48
C GLN A 257 -9.12 10.90 -15.96
N GLU A 258 -8.18 10.87 -15.03
CA GLU A 258 -6.78 11.04 -15.42
C GLU A 258 -5.84 10.31 -14.49
N ILE A 259 -4.90 9.57 -15.07
CA ILE A 259 -4.00 8.76 -14.26
C ILE A 259 -2.55 8.99 -14.64
N ASN A 260 -1.74 9.36 -13.65
CA ASN A 260 -0.31 9.46 -13.86
C ASN A 260 0.41 8.36 -13.08
N THR A 261 1.25 7.57 -13.76
CA THR A 261 1.94 6.51 -13.08
C THR A 261 3.41 6.85 -12.97
N LEU A 262 3.91 6.93 -11.74
CA LEU A 262 5.32 7.20 -11.47
C LEU A 262 6.11 5.94 -11.16
N GLY A 263 7.30 5.84 -11.74
CA GLY A 263 8.27 4.83 -11.37
C GLY A 263 8.88 5.20 -10.03
N ASP A 264 8.99 4.21 -9.16
CA ASP A 264 9.48 4.41 -7.82
C ASP A 264 10.56 3.37 -7.51
N PHE A 265 11.78 3.84 -7.33
CA PHE A 265 12.90 2.98 -6.99
C PHE A 265 13.09 2.92 -5.47
N LYS A 266 12.68 1.81 -4.87
CA LYS A 266 12.76 1.68 -3.42
C LYS A 266 13.89 0.75 -2.99
N GLU A 267 14.26 -0.22 -3.83
CA GLU A 267 15.25 -1.22 -3.44
C GLU A 267 16.68 -0.66 -3.21
N THR A 268 17.43 -1.39 -2.41
CA THR A 268 18.77 -0.97 -2.05
C THR A 268 19.72 -0.94 -3.25
N TYR A 269 19.64 -1.97 -4.08
CA TYR A 269 20.49 -2.09 -5.26
C TYR A 269 19.69 -1.81 -6.52
N LYS A 270 19.85 -0.61 -7.06
CA LYS A 270 18.93 -0.13 -8.08
C LYS A 270 19.21 -0.67 -9.47
N GLU A 271 18.13 -0.88 -10.21
CA GLU A 271 18.21 -1.41 -11.57
C GLU A 271 17.69 -0.37 -12.51
N ASP A 272 17.83 -0.63 -13.81
CA ASP A 272 17.21 0.22 -14.83
C ASP A 272 15.70 0.38 -14.63
N GLU A 273 15.01 -0.69 -14.24
CA GLU A 273 13.58 -0.63 -14.02
C GLU A 273 13.29 -0.26 -12.58
N PRO A 274 12.20 0.49 -12.35
CA PRO A 274 11.76 0.72 -10.96
C PRO A 274 11.15 -0.55 -10.39
N ASP A 275 11.29 -0.76 -9.09
CA ASP A 275 10.73 -1.97 -8.50
C ASP A 275 9.29 -1.71 -8.04
N PHE A 276 8.91 -0.43 -7.95
CA PHE A 276 7.53 -0.06 -7.65
C PHE A 276 6.95 0.91 -8.67
N PHE A 277 5.63 0.99 -8.73
CA PHE A 277 4.92 2.08 -9.43
C PHE A 277 3.95 2.72 -8.47
N LEU A 278 3.80 4.04 -8.59
CA LEU A 278 2.75 4.74 -7.85
C LEU A 278 1.75 5.31 -8.86
N HIS A 279 0.50 4.88 -8.76
CA HIS A 279 -0.55 5.44 -9.61
C HIS A 279 -1.21 6.62 -8.92
N VAL A 280 -1.19 7.75 -9.60
CA VAL A 280 -1.85 8.95 -9.12
C VAL A 280 -3.11 9.18 -9.96
N ALA A 281 -4.25 8.74 -9.44
CA ALA A 281 -5.51 8.78 -10.19
C ALA A 281 -6.44 9.90 -9.73
N GLU A 282 -6.66 10.87 -10.60
CA GLU A 282 -7.60 11.95 -10.27
C GLU A 282 -9.03 11.58 -10.63
N LYS A 283 -9.95 11.81 -9.71
CA LYS A 283 -11.37 11.65 -10.01
C LYS A 283 -11.79 12.62 -11.11
N ASN A 284 -11.12 13.79 -11.13
CA ASN A 284 -11.19 14.74 -12.24
C ASN A 284 -9.90 15.54 -12.41
#